data_6QIU
#
_entry.id   6QIU
#
_cell.length_a   82.662
_cell.length_b   111.948
_cell.length_c   62.742
_cell.angle_alpha   90.000
_cell.angle_beta   90.000
_cell.angle_gamma   90.000
#
_symmetry.space_group_name_H-M   'C 2 2 21'
#
loop_
_entity.id
_entity.type
_entity.pdbx_description
1 polymer '14-3-3 protein sigma'
2 polymer 'Ataxin-1 phosphopeptide'
3 non-polymer 'MAGNESIUM ION'
4 non-polymer 'CHLORIDE ION'
5 water water
#
loop_
_entity_poly.entity_id
_entity_poly.type
_entity_poly.pdbx_seq_one_letter_code
_entity_poly.pdbx_strand_id
1 'polypeptide(L)'
;GAMGSMERASLIQKAKLAEQAERYEDMAAFMKGAVEKGEELSCEERNLLSVAYKNVVGGQRAAWRVLSSIEQKSNEEGSE
EKGPEVREYREKVETELQGVCDTVLGLLDSHLIKEAGDAESRVFYLKMKGDYYRYLAEVATGDDKKRIIDSARSAYQEAM
DISKKEMPPTNPIRLGLALNFSVFHYEIANSPEEAISLAKTTFDEAMADLHTLSEDSYKDSTLIMQLLRDNLTLWT
;
A
2 'polypeptide(L)' KRRW(SEP)APESR P
#
loop_
_chem_comp.id
_chem_comp.type
_chem_comp.name
_chem_comp.formula
CL non-polymer 'CHLORIDE ION' 'Cl -1'
MG non-polymer 'MAGNESIUM ION' 'Mg 2'
#
# COMPACT_ATOMS: atom_id res chain seq x y z
N GLY A 1 24.46 -5.23 5.95
CA GLY A 1 23.50 -5.50 4.91
C GLY A 1 24.22 -5.81 3.62
N ALA A 2 23.66 -6.75 2.83
CA ALA A 2 24.37 -7.26 1.66
C ALA A 2 24.54 -6.20 0.58
N MET A 3 23.75 -5.13 0.62
CA MET A 3 23.89 -4.05 -0.35
C MET A 3 24.80 -2.94 0.14
N GLY A 4 25.40 -3.10 1.31
CA GLY A 4 26.24 -2.04 1.88
C GLY A 4 27.42 -1.64 1.00
N SER A 5 27.94 -2.57 0.20
CA SER A 5 29.11 -2.24 -0.60
CA SER A 5 29.12 -2.26 -0.63
C SER A 5 28.79 -1.63 -1.97
N MET A 6 27.51 -1.55 -2.36
CA MET A 6 27.17 -1.07 -3.69
C MET A 6 26.80 0.42 -3.63
N GLU A 7 27.22 1.18 -4.64
CA GLU A 7 26.86 2.60 -4.73
C GLU A 7 25.36 2.78 -4.75
N ARG A 8 24.91 3.88 -4.12
CA ARG A 8 23.49 4.22 -4.18
C ARG A 8 22.99 4.29 -5.63
N ALA A 9 23.75 4.95 -6.51
CA ALA A 9 23.24 5.10 -7.88
C ALA A 9 23.16 3.75 -8.59
N SER A 10 24.11 2.86 -8.32
CA SER A 10 24.09 1.51 -8.90
C SER A 10 22.89 0.70 -8.40
N LEU A 11 22.56 0.84 -7.10
CA LEU A 11 21.36 0.20 -6.57
C LEU A 11 20.12 0.69 -7.30
N ILE A 12 20.00 1.99 -7.52
CA ILE A 12 18.85 2.54 -8.22
CA ILE A 12 18.83 2.51 -8.21
C ILE A 12 18.82 2.05 -9.66
N GLN A 13 19.99 2.05 -10.31
CA GLN A 13 20.03 1.55 -11.68
C GLN A 13 19.59 0.10 -11.72
N LYS A 14 20.08 -0.72 -10.78
CA LYS A 14 19.71 -2.15 -10.81
C LYS A 14 18.26 -2.36 -10.42
N ALA A 15 17.70 -1.51 -9.55
CA ALA A 15 16.28 -1.63 -9.26
C ALA A 15 15.46 -1.46 -10.54
N LYS A 16 15.87 -0.53 -11.40
CA LYS A 16 15.15 -0.32 -12.65
C LYS A 16 15.31 -1.50 -13.60
N LEU A 17 16.49 -2.08 -13.63
CA LEU A 17 16.69 -3.30 -14.42
C LEU A 17 15.82 -4.44 -13.90
N ALA A 18 15.78 -4.63 -12.57
CA ALA A 18 14.96 -5.69 -11.99
C ALA A 18 13.47 -5.47 -12.30
N GLU A 19 13.00 -4.23 -12.22
CA GLU A 19 11.64 -3.90 -12.65
C GLU A 19 11.38 -4.35 -14.09
N GLN A 20 12.30 -4.07 -15.00
CA GLN A 20 12.09 -4.46 -16.40
C GLN A 20 12.06 -5.96 -16.56
N ALA A 21 12.82 -6.66 -15.73
CA ALA A 21 12.89 -8.12 -15.75
C ALA A 21 11.81 -8.76 -14.89
N GLU A 22 10.94 -7.95 -14.29
CA GLU A 22 9.89 -8.43 -13.37
CA GLU A 22 9.89 -8.42 -13.37
C GLU A 22 10.48 -9.25 -12.23
N ARG A 23 11.64 -8.82 -11.73
CA ARG A 23 12.32 -9.50 -10.63
C ARG A 23 12.11 -8.65 -9.38
N TYR A 24 10.90 -8.76 -8.80
CA TYR A 24 10.54 -7.75 -7.81
C TYR A 24 11.18 -8.00 -6.45
N GLU A 25 11.51 -9.26 -6.10
CA GLU A 25 12.28 -9.49 -4.88
CA GLU A 25 12.28 -9.49 -4.88
C GLU A 25 13.64 -8.83 -4.98
N ASP A 26 14.31 -8.98 -6.12
CA ASP A 26 15.59 -8.29 -6.31
C ASP A 26 15.37 -6.79 -6.26
N MET A 27 14.34 -6.30 -6.93
CA MET A 27 14.06 -4.87 -6.94
C MET A 27 13.92 -4.33 -5.52
N ALA A 28 13.19 -5.06 -4.67
CA ALA A 28 12.97 -4.62 -3.29
C ALA A 28 14.28 -4.61 -2.52
N ALA A 29 15.11 -5.64 -2.70
CA ALA A 29 16.38 -5.68 -2.00
C ALA A 29 17.28 -4.53 -2.43
N PHE A 30 17.29 -4.20 -3.72
CA PHE A 30 18.08 -3.06 -4.19
C PHE A 30 17.57 -1.77 -3.58
N MET A 31 16.25 -1.56 -3.58
CA MET A 31 15.72 -0.31 -3.02
C MET A 31 15.88 -0.25 -1.50
N LYS A 32 15.78 -1.38 -0.81
CA LYS A 32 16.10 -1.38 0.61
C LYS A 32 17.53 -0.90 0.82
N GLY A 33 18.46 -1.44 0.02
CA GLY A 33 19.84 -0.97 0.11
C GLY A 33 19.97 0.53 -0.15
N ALA A 34 19.22 1.04 -1.15
CA ALA A 34 19.31 2.48 -1.44
C ALA A 34 18.77 3.31 -0.27
N VAL A 35 17.64 2.90 0.30
CA VAL A 35 17.13 3.60 1.49
C VAL A 35 18.15 3.60 2.61
N GLU A 36 18.82 2.47 2.83
CA GLU A 36 19.77 2.33 3.93
C GLU A 36 21.03 3.16 3.73
N LYS A 37 21.23 3.74 2.54
CA LYS A 37 22.32 4.71 2.41
C LYS A 37 22.08 5.96 3.24
N GLY A 38 20.84 6.23 3.64
CA GLY A 38 20.55 7.29 4.59
C GLY A 38 20.11 8.61 3.98
N GLU A 39 20.18 8.77 2.65
CA GLU A 39 19.73 9.99 2.01
CA GLU A 39 19.73 9.99 2.00
C GLU A 39 18.24 9.90 1.71
N GLU A 40 17.60 11.07 1.64
CA GLU A 40 16.18 11.08 1.31
C GLU A 40 16.00 10.53 -0.11
N LEU A 41 14.77 10.10 -0.41
CA LEU A 41 14.45 9.55 -1.73
CA LEU A 41 14.46 9.55 -1.72
C LEU A 41 13.74 10.59 -2.57
N SER A 42 14.08 10.62 -3.86
CA SER A 42 13.36 11.46 -4.81
C SER A 42 11.98 10.89 -5.10
N CYS A 43 11.16 11.65 -5.85
CA CYS A 43 9.83 11.16 -6.17
C CYS A 43 9.90 9.84 -6.93
N GLU A 44 10.77 9.78 -7.92
CA GLU A 44 10.91 8.55 -8.69
C GLU A 44 11.43 7.40 -7.81
N GLU A 45 12.37 7.70 -6.92
CA GLU A 45 12.92 6.63 -6.06
C GLU A 45 11.87 6.12 -5.09
N ARG A 46 11.03 7.02 -4.56
CA ARG A 46 9.94 6.56 -3.72
C ARG A 46 9.02 5.63 -4.49
N ASN A 47 8.76 5.92 -5.75
CA ASN A 47 7.88 5.03 -6.48
CA ASN A 47 7.90 5.05 -6.54
C ASN A 47 8.56 3.71 -6.81
N LEU A 48 9.89 3.70 -6.96
CA LEU A 48 10.59 2.43 -7.18
C LEU A 48 10.50 1.57 -5.93
N LEU A 49 10.69 2.19 -4.76
CA LEU A 49 10.53 1.48 -3.50
C LEU A 49 9.13 0.89 -3.38
N SER A 50 8.11 1.72 -3.64
CA SER A 50 6.73 1.28 -3.49
C SER A 50 6.36 0.16 -4.45
N VAL A 51 6.71 0.28 -5.73
CA VAL A 51 6.39 -0.76 -6.72
CA VAL A 51 6.36 -0.77 -6.69
C VAL A 51 7.02 -2.09 -6.32
N ALA A 52 8.28 -2.05 -5.89
CA ALA A 52 8.96 -3.32 -5.58
C ALA A 52 8.24 -4.04 -4.46
N TYR A 53 8.01 -3.37 -3.33
CA TYR A 53 7.42 -4.08 -2.21
C TYR A 53 5.95 -4.40 -2.45
N LYS A 54 5.24 -3.54 -3.20
CA LYS A 54 3.85 -3.84 -3.51
C LYS A 54 3.74 -5.17 -4.24
N ASN A 55 4.64 -5.39 -5.21
CA ASN A 55 4.60 -6.63 -5.97
C ASN A 55 5.00 -7.82 -5.13
N VAL A 56 6.02 -7.66 -4.28
CA VAL A 56 6.43 -8.77 -3.43
C VAL A 56 5.29 -9.15 -2.49
N VAL A 57 4.75 -8.18 -1.76
CA VAL A 57 3.71 -8.52 -0.81
CA VAL A 57 3.70 -8.51 -0.81
C VAL A 57 2.43 -8.93 -1.52
N GLY A 58 2.20 -8.41 -2.74
CA GLY A 58 1.00 -8.80 -3.47
C GLY A 58 1.01 -10.28 -3.80
N GLY A 59 2.17 -10.81 -4.17
CA GLY A 59 2.28 -12.24 -4.42
C GLY A 59 2.07 -13.04 -3.15
N GLN A 60 2.60 -12.57 -2.01
CA GLN A 60 2.41 -13.30 -0.76
CA GLN A 60 2.41 -13.31 -0.77
C GLN A 60 0.96 -13.24 -0.31
N ARG A 61 0.32 -12.08 -0.45
CA ARG A 61 -1.08 -11.99 -0.06
C ARG A 61 -1.95 -12.92 -0.89
N ALA A 62 -1.74 -12.95 -2.21
CA ALA A 62 -2.52 -13.83 -3.07
C ALA A 62 -2.34 -15.28 -2.66
N ALA A 63 -1.10 -15.67 -2.37
CA ALA A 63 -0.83 -17.04 -1.92
C ALA A 63 -1.47 -17.33 -0.57
N TRP A 64 -1.33 -16.39 0.38
CA TRP A 64 -1.99 -16.57 1.68
C TRP A 64 -3.49 -16.75 1.52
N ARG A 65 -4.12 -16.01 0.59
CA ARG A 65 -5.58 -16.14 0.45
C ARG A 65 -5.94 -17.52 -0.09
N VAL A 66 -5.18 -18.04 -1.05
CA VAL A 66 -5.41 -19.40 -1.56
C VAL A 66 -5.32 -20.39 -0.41
N LEU A 67 -4.27 -20.31 0.39
CA LEU A 67 -4.03 -21.28 1.46
C LEU A 67 -5.05 -21.15 2.58
N SER A 68 -5.42 -19.91 2.93
CA SER A 68 -6.42 -19.70 3.97
CA SER A 68 -6.42 -19.71 3.97
C SER A 68 -7.76 -20.29 3.56
N SER A 69 -8.11 -20.18 2.29
CA SER A 69 -9.37 -20.74 1.80
C SER A 69 -9.32 -22.25 1.89
N ILE A 70 -8.21 -22.86 1.46
CA ILE A 70 -8.07 -24.32 1.60
C ILE A 70 -8.21 -24.71 3.07
N GLU A 71 -7.56 -23.97 3.95
CA GLU A 71 -7.60 -24.29 5.37
C GLU A 71 -9.01 -24.18 5.91
N GLN A 72 -9.75 -23.17 5.47
CA GLN A 72 -11.11 -23.00 5.98
C GLN A 72 -11.98 -24.17 5.55
N LYS A 73 -11.85 -24.60 4.29
CA LYS A 73 -12.60 -25.78 3.85
C LYS A 73 -12.22 -27.02 4.65
N SER A 74 -10.93 -27.16 5.01
CA SER A 74 -10.51 -28.33 5.76
C SER A 74 -11.16 -28.39 7.15
N ASN A 75 -11.59 -27.24 7.68
CA ASN A 75 -12.21 -27.18 8.99
C ASN A 75 -13.73 -27.17 8.94
N GLU A 76 -14.31 -27.49 7.78
CA GLU A 76 -15.76 -27.62 7.68
C GLU A 76 -16.20 -28.98 8.21
N GLU A 77 -17.50 -29.09 8.49
CA GLU A 77 -18.06 -30.37 8.93
C GLU A 77 -18.04 -31.37 7.80
N GLY A 78 -17.61 -32.59 8.10
CA GLY A 78 -17.53 -33.64 7.11
C GLY A 78 -16.26 -33.66 6.29
N SER A 79 -15.32 -32.75 6.58
CA SER A 79 -14.05 -32.73 5.88
C SER A 79 -13.13 -33.80 6.46
N GLU A 80 -12.44 -34.51 5.57
CA GLU A 80 -11.52 -35.54 6.03
C GLU A 80 -10.29 -34.88 6.64
N GLU A 81 -9.85 -35.43 7.78
CA GLU A 81 -8.69 -34.89 8.47
C GLU A 81 -7.43 -35.18 7.66
N LYS A 82 -6.67 -34.13 7.33
CA LYS A 82 -5.48 -34.27 6.51
C LYS A 82 -4.19 -33.99 7.26
N GLY A 83 -4.27 -33.68 8.54
CA GLY A 83 -3.09 -33.42 9.33
C GLY A 83 -2.76 -31.94 9.39
N PRO A 84 -1.58 -31.60 9.90
CA PRO A 84 -1.22 -30.20 10.16
C PRO A 84 -0.65 -29.46 8.97
N GLU A 85 -0.52 -30.10 7.81
CA GLU A 85 0.30 -29.51 6.74
C GLU A 85 -0.30 -28.21 6.22
N VAL A 86 -1.62 -28.15 6.03
CA VAL A 86 -2.21 -26.94 5.45
C VAL A 86 -1.96 -25.75 6.36
N ARG A 87 -2.26 -25.93 7.66
CA ARG A 87 -1.99 -24.88 8.63
C ARG A 87 -0.51 -24.52 8.66
N GLU A 88 0.37 -25.53 8.70
CA GLU A 88 1.80 -25.25 8.73
C GLU A 88 2.22 -24.38 7.55
N TYR A 89 1.81 -24.77 6.33
CA TYR A 89 2.26 -24.04 5.16
C TYR A 89 1.62 -22.64 5.07
N ARG A 90 0.34 -22.52 5.47
CA ARG A 90 -0.25 -21.18 5.55
C ARG A 90 0.53 -20.31 6.54
N GLU A 91 0.92 -20.87 7.68
CA GLU A 91 1.71 -20.12 8.67
C GLU A 91 3.07 -19.73 8.09
N LYS A 92 3.69 -20.61 7.32
CA LYS A 92 4.96 -20.29 6.68
C LYS A 92 4.82 -19.08 5.77
N VAL A 93 3.83 -19.10 4.89
CA VAL A 93 3.63 -17.98 3.97
C VAL A 93 3.28 -16.74 4.76
N GLU A 94 2.42 -16.90 5.77
CA GLU A 94 2.01 -15.76 6.60
C GLU A 94 3.20 -15.13 7.31
N THR A 95 4.10 -15.96 7.84
CA THR A 95 5.27 -15.43 8.52
CA THR A 95 5.26 -15.42 8.53
C THR A 95 6.18 -14.68 7.56
N GLU A 96 6.32 -15.18 6.34
CA GLU A 96 7.16 -14.48 5.38
CA GLU A 96 7.16 -14.50 5.37
C GLU A 96 6.54 -13.16 4.99
N LEU A 97 5.22 -13.15 4.81
CA LEU A 97 4.49 -11.92 4.52
CA LEU A 97 4.48 -11.91 4.51
C LEU A 97 4.66 -10.91 5.63
N GLN A 98 4.51 -11.34 6.88
CA GLN A 98 4.67 -10.44 8.00
C GLN A 98 6.09 -9.88 8.03
N GLY A 99 7.06 -10.71 7.67
CA GLY A 99 8.44 -10.25 7.67
C GLY A 99 8.66 -9.14 6.68
N VAL A 100 8.05 -9.26 5.50
CA VAL A 100 8.16 -8.20 4.49
C VAL A 100 7.49 -6.92 5.00
N CYS A 101 6.29 -7.04 5.58
CA CYS A 101 5.64 -5.84 6.11
C CYS A 101 6.49 -5.20 7.19
N ASP A 102 7.07 -6.01 8.08
CA ASP A 102 7.92 -5.45 9.13
C ASP A 102 9.14 -4.75 8.54
N THR A 103 9.69 -5.32 7.46
CA THR A 103 10.85 -4.69 6.83
C THR A 103 10.50 -3.31 6.29
N VAL A 104 9.36 -3.22 5.58
CA VAL A 104 8.93 -1.93 5.02
C VAL A 104 8.67 -0.95 6.13
N LEU A 105 7.92 -1.39 7.17
CA LEU A 105 7.63 -0.48 8.26
C LEU A 105 8.91 -0.02 8.94
N GLY A 106 9.89 -0.92 9.02
CA GLY A 106 11.16 -0.53 9.62
C GLY A 106 11.89 0.53 8.81
N LEU A 107 11.78 0.45 7.47
CA LEU A 107 12.42 1.48 6.64
C LEU A 107 11.71 2.81 6.85
N LEU A 108 10.40 2.78 6.95
CA LEU A 108 9.67 4.03 7.15
C LEU A 108 10.02 4.64 8.49
N ASP A 109 10.20 3.82 9.52
CA ASP A 109 10.49 4.31 10.86
C ASP A 109 11.95 4.68 11.07
N SER A 110 12.85 4.15 10.22
CA SER A 110 14.30 4.38 10.33
C SER A 110 14.92 4.59 8.94
N HIS A 111 14.79 5.81 8.38
CA HIS A 111 14.24 7.02 9.02
C HIS A 111 13.48 7.84 8.01
N LEU A 112 12.79 7.17 7.08
CA LEU A 112 12.16 7.86 5.96
C LEU A 112 11.14 8.89 6.43
N ILE A 113 10.24 8.50 7.35
CA ILE A 113 9.16 9.42 7.69
C ILE A 113 9.68 10.63 8.45
N LYS A 114 10.58 10.42 9.41
CA LYS A 114 10.98 11.56 10.22
C LYS A 114 11.77 12.58 9.41
N GLU A 115 12.41 12.20 8.30
CA GLU A 115 13.10 13.21 7.51
CA GLU A 115 13.13 13.16 7.47
C GLU A 115 12.24 13.77 6.38
N ALA A 116 11.02 13.27 6.20
CA ALA A 116 10.17 13.71 5.07
C ALA A 116 9.40 14.96 5.46
N GLY A 117 9.76 16.09 4.88
CA GLY A 117 9.14 17.35 5.28
C GLY A 117 8.15 17.90 4.27
N ASP A 118 8.33 17.58 2.99
CA ASP A 118 7.41 18.06 1.99
C ASP A 118 6.13 17.24 2.03
N ALA A 119 5.00 17.89 1.74
CA ALA A 119 3.73 17.17 1.72
C ALA A 119 3.77 15.91 0.87
N GLU A 120 4.35 15.99 -0.34
CA GLU A 120 4.29 14.85 -1.27
C GLU A 120 5.01 13.64 -0.71
N SER A 121 6.16 13.86 -0.08
CA SER A 121 6.89 12.71 0.47
C SER A 121 6.26 12.23 1.77
N ARG A 122 5.87 13.18 2.63
CA ARG A 122 5.33 12.78 3.92
C ARG A 122 4.03 12.01 3.76
N VAL A 123 3.13 12.49 2.87
CA VAL A 123 1.89 11.76 2.61
C VAL A 123 2.17 10.39 1.97
N PHE A 124 3.09 10.35 1.01
CA PHE A 124 3.45 9.08 0.38
C PHE A 124 3.86 8.04 1.42
N TYR A 125 4.74 8.41 2.35
CA TYR A 125 5.25 7.45 3.32
C TYR A 125 4.19 7.06 4.34
N LEU A 126 3.36 8.03 4.74
CA LEU A 126 2.32 7.70 5.72
C LEU A 126 1.29 6.78 5.11
N LYS A 127 0.94 7.01 3.83
CA LYS A 127 0.09 6.06 3.11
C LYS A 127 0.71 4.67 3.11
N MET A 128 2.00 4.59 2.82
CA MET A 128 2.69 3.31 2.84
CA MET A 128 2.69 3.31 2.83
C MET A 128 2.62 2.66 4.21
N LYS A 129 2.83 3.45 5.26
CA LYS A 129 2.72 2.90 6.60
C LYS A 129 1.32 2.33 6.84
N GLY A 130 0.28 3.09 6.46
CA GLY A 130 -1.08 2.55 6.57
C GLY A 130 -1.27 1.28 5.77
N ASP A 131 -0.75 1.27 4.53
CA ASP A 131 -0.87 0.09 3.68
C ASP A 131 -0.26 -1.15 4.34
N TYR A 132 0.98 -1.02 4.86
CA TYR A 132 1.62 -2.25 5.34
C TYR A 132 1.05 -2.68 6.70
N TYR A 133 0.54 -1.75 7.52
CA TYR A 133 -0.23 -2.20 8.69
C TYR A 133 -1.55 -2.84 8.27
N ARG A 134 -2.17 -2.34 7.19
CA ARG A 134 -3.37 -3.00 6.68
C ARG A 134 -3.07 -4.43 6.21
N TYR A 135 -1.95 -4.65 5.53
CA TYR A 135 -1.62 -6.02 5.14
C TYR A 135 -1.37 -6.89 6.35
N LEU A 136 -0.70 -6.36 7.38
CA LEU A 136 -0.61 -7.10 8.64
C LEU A 136 -2.00 -7.39 9.20
N ALA A 137 -2.90 -6.41 9.13
CA ALA A 137 -4.25 -6.62 9.70
C ALA A 137 -5.02 -7.72 8.96
N GLU A 138 -4.77 -7.90 7.66
CA GLU A 138 -5.48 -8.90 6.87
C GLU A 138 -5.26 -10.31 7.43
N VAL A 139 -4.09 -10.55 8.02
CA VAL A 139 -3.77 -11.89 8.53
C VAL A 139 -3.79 -11.96 10.04
N ALA A 140 -4.09 -10.85 10.72
CA ALA A 140 -4.04 -10.85 12.18
C ALA A 140 -5.28 -11.48 12.77
N THR A 141 -5.09 -12.31 13.80
CA THR A 141 -6.19 -13.01 14.46
C THR A 141 -6.09 -13.00 15.97
N GLY A 142 -5.02 -12.47 16.56
CA GLY A 142 -4.74 -12.60 17.96
C GLY A 142 -5.03 -11.32 18.74
N ASP A 143 -4.37 -11.20 19.89
CA ASP A 143 -4.62 -10.10 20.82
C ASP A 143 -4.09 -8.77 20.33
N ASP A 144 -3.29 -8.75 19.26
CA ASP A 144 -2.77 -7.50 18.74
C ASP A 144 -3.53 -7.00 17.53
N LYS A 145 -4.56 -7.74 17.07
CA LYS A 145 -5.28 -7.32 15.87
C LYS A 145 -5.86 -5.92 16.02
N LYS A 146 -6.43 -5.59 17.20
CA LYS A 146 -6.99 -4.25 17.35
C LYS A 146 -5.91 -3.20 17.27
N ARG A 147 -4.74 -3.47 17.86
CA ARG A 147 -3.68 -2.47 17.82
C ARG A 147 -3.13 -2.31 16.41
N ILE A 148 -3.04 -3.42 15.66
CA ILE A 148 -2.59 -3.34 14.27
C ILE A 148 -3.54 -2.49 13.45
N ILE A 149 -4.85 -2.73 13.61
CA ILE A 149 -5.86 -1.96 12.89
C ILE A 149 -5.78 -0.49 13.25
N ASP A 150 -5.61 -0.18 14.54
CA ASP A 150 -5.51 1.23 14.92
C ASP A 150 -4.23 1.86 14.40
N SER A 151 -3.12 1.09 14.28
CA SER A 151 -1.93 1.67 13.68
C SER A 151 -2.16 2.03 12.23
N ALA A 152 -2.85 1.15 11.49
CA ALA A 152 -3.17 1.48 10.09
C ALA A 152 -4.04 2.73 10.02
N ARG A 153 -5.11 2.76 10.83
CA ARG A 153 -6.02 3.90 10.85
CA ARG A 153 -6.02 3.90 10.86
C ARG A 153 -5.26 5.19 11.13
N SER A 154 -4.39 5.17 12.14
CA SER A 154 -3.68 6.38 12.54
CA SER A 154 -3.68 6.38 12.55
C SER A 154 -2.77 6.90 11.44
N ALA A 155 -2.06 6.00 10.77
CA ALA A 155 -1.18 6.42 9.67
C ALA A 155 -1.99 7.02 8.53
N TYR A 156 -3.06 6.33 8.13
CA TYR A 156 -3.92 6.86 7.08
C TYR A 156 -4.52 8.21 7.46
N GLN A 157 -4.96 8.33 8.72
CA GLN A 157 -5.59 9.57 9.15
C GLN A 157 -4.61 10.73 9.09
N GLU A 158 -3.37 10.52 9.57
CA GLU A 158 -2.41 11.62 9.48
CA GLU A 158 -2.37 11.59 9.48
C GLU A 158 -2.13 11.98 8.03
N ALA A 159 -2.02 10.98 7.15
CA ALA A 159 -1.79 11.23 5.73
C ALA A 159 -2.97 12.01 5.12
N MET A 160 -4.20 11.62 5.48
CA MET A 160 -5.38 12.33 4.98
CA MET A 160 -5.38 12.32 5.00
C MET A 160 -5.37 13.78 5.43
N ASP A 161 -5.09 14.03 6.72
CA ASP A 161 -5.09 15.41 7.21
C ASP A 161 -4.11 16.27 6.44
N ILE A 162 -2.89 15.77 6.23
CA ILE A 162 -1.89 16.56 5.49
C ILE A 162 -2.33 16.75 4.05
N SER A 163 -2.79 15.66 3.41
CA SER A 163 -3.17 15.73 2.00
CA SER A 163 -3.17 15.73 2.00
C SER A 163 -4.31 16.72 1.78
N LYS A 164 -5.28 16.75 2.67
CA LYS A 164 -6.37 17.70 2.49
CA LYS A 164 -6.39 17.70 2.52
C LYS A 164 -5.90 19.14 2.64
N LYS A 165 -4.93 19.38 3.51
CA LYS A 165 -4.44 20.75 3.73
CA LYS A 165 -4.46 20.74 3.73
C LYS A 165 -3.49 21.19 2.63
N GLU A 166 -2.67 20.28 2.13
CA GLU A 166 -1.52 20.65 1.31
C GLU A 166 -1.60 20.25 -0.15
N MET A 167 -2.57 19.45 -0.56
CA MET A 167 -2.61 18.90 -1.91
CA MET A 167 -2.59 18.95 -1.93
C MET A 167 -3.95 19.20 -2.56
N PRO A 168 -3.98 19.36 -3.88
CA PRO A 168 -5.26 19.55 -4.57
C PRO A 168 -6.01 18.23 -4.60
N PRO A 169 -7.33 18.29 -4.76
CA PRO A 169 -8.16 17.08 -4.67
C PRO A 169 -7.90 16.10 -5.80
N THR A 170 -7.28 16.55 -6.89
CA THR A 170 -6.93 15.66 -7.99
C THR A 170 -5.54 15.04 -7.87
N ASN A 171 -4.76 15.39 -6.85
CA ASN A 171 -3.41 14.84 -6.76
CA ASN A 171 -3.41 14.84 -6.76
C ASN A 171 -3.44 13.31 -6.70
N PRO A 172 -2.70 12.61 -7.57
CA PRO A 172 -2.79 11.14 -7.60
C PRO A 172 -2.41 10.45 -6.29
N ILE A 173 -1.49 11.01 -5.52
CA ILE A 173 -1.17 10.43 -4.22
CA ILE A 173 -1.16 10.44 -4.22
C ILE A 173 -2.35 10.59 -3.27
N ARG A 174 -2.93 11.78 -3.24
CA ARG A 174 -4.12 12.00 -2.42
C ARG A 174 -5.23 11.04 -2.82
N LEU A 175 -5.46 10.87 -4.12
CA LEU A 175 -6.52 9.97 -4.60
C LEU A 175 -6.24 8.53 -4.20
N GLY A 176 -5.00 8.06 -4.41
CA GLY A 176 -4.70 6.67 -4.07
C GLY A 176 -4.74 6.44 -2.57
N LEU A 177 -4.39 7.46 -1.80
CA LEU A 177 -4.52 7.36 -0.34
C LEU A 177 -5.97 7.17 0.05
N ALA A 178 -6.84 8.01 -0.51
CA ALA A 178 -8.26 7.93 -0.17
C ALA A 178 -8.84 6.61 -0.62
N LEU A 179 -8.44 6.14 -1.82
CA LEU A 179 -8.87 4.81 -2.27
C LEU A 179 -8.50 3.74 -1.24
N ASN A 180 -7.24 3.74 -0.79
CA ASN A 180 -6.80 2.69 0.13
C ASN A 180 -7.42 2.83 1.51
N PHE A 181 -7.59 4.07 1.97
CA PHE A 181 -8.26 4.25 3.26
C PHE A 181 -9.71 3.80 3.16
N SER A 182 -10.35 4.03 2.02
CA SER A 182 -11.72 3.54 1.82
CA SER A 182 -11.72 3.55 1.85
C SER A 182 -11.77 2.02 1.88
N VAL A 183 -10.78 1.34 1.26
CA VAL A 183 -10.73 -0.14 1.35
C VAL A 183 -10.48 -0.60 2.78
N PHE A 184 -9.62 0.12 3.51
CA PHE A 184 -9.43 -0.15 4.93
C PHE A 184 -10.75 -0.10 5.68
N HIS A 185 -11.55 0.97 5.46
CA HIS A 185 -12.85 1.06 6.13
C HIS A 185 -13.73 -0.11 5.76
N TYR A 186 -13.73 -0.49 4.48
CA TYR A 186 -14.71 -1.45 3.99
C TYR A 186 -14.40 -2.84 4.51
N GLU A 187 -13.16 -3.27 4.42
CA GLU A 187 -12.90 -4.69 4.70
C GLU A 187 -12.02 -4.94 5.91
N ILE A 188 -11.42 -3.92 6.51
CA ILE A 188 -10.65 -4.10 7.76
C ILE A 188 -11.43 -3.63 8.97
N ALA A 189 -11.98 -2.42 8.89
CA ALA A 189 -12.61 -1.77 10.04
C ALA A 189 -14.11 -2.02 10.11
N ASN A 190 -14.66 -2.84 9.23
CA ASN A 190 -16.08 -3.17 9.26
C ASN A 190 -16.93 -1.90 9.21
N SER A 191 -16.55 -0.95 8.36
CA SER A 191 -17.25 0.34 8.24
CA SER A 191 -17.25 0.34 8.24
C SER A 191 -17.55 0.61 6.77
N PRO A 192 -18.41 -0.20 6.14
CA PRO A 192 -18.70 0.01 4.71
C PRO A 192 -19.34 1.36 4.42
N GLU A 193 -20.16 1.90 5.32
CA GLU A 193 -20.72 3.22 5.05
C GLU A 193 -19.64 4.29 5.01
N GLU A 194 -18.69 4.24 5.95
CA GLU A 194 -17.57 5.17 5.89
C GLU A 194 -16.78 4.98 4.60
N ALA A 195 -16.55 3.73 4.19
CA ALA A 195 -15.83 3.47 2.94
C ALA A 195 -16.54 4.10 1.74
N ILE A 196 -17.84 3.91 1.65
CA ILE A 196 -18.61 4.45 0.53
C ILE A 196 -18.61 5.98 0.57
N SER A 197 -18.82 6.57 1.74
CA SER A 197 -18.83 8.02 1.85
CA SER A 197 -18.83 8.02 1.86
C SER A 197 -17.50 8.61 1.43
N LEU A 198 -16.40 8.03 1.90
CA LEU A 198 -15.09 8.54 1.54
C LEU A 198 -14.86 8.42 0.04
N ALA A 199 -15.22 7.29 -0.55
CA ALA A 199 -14.98 7.11 -1.99
C ALA A 199 -15.77 8.12 -2.82
N LYS A 200 -17.04 8.34 -2.44
CA LYS A 200 -17.91 9.30 -3.13
CA LYS A 200 -17.89 9.28 -3.18
C LYS A 200 -17.38 10.71 -3.03
N THR A 201 -17.11 11.16 -1.80
CA THR A 201 -16.65 12.54 -1.61
CA THR A 201 -16.66 12.55 -1.65
C THR A 201 -15.32 12.77 -2.31
N THR A 202 -14.45 11.76 -2.29
CA THR A 202 -13.16 11.87 -2.96
C THR A 202 -13.34 12.01 -4.46
N PHE A 203 -14.18 11.16 -5.03
CA PHE A 203 -14.48 11.24 -6.46
C PHE A 203 -15.07 12.61 -6.83
N ASP A 204 -16.06 13.08 -6.06
CA ASP A 204 -16.77 14.31 -6.40
C ASP A 204 -15.87 15.52 -6.29
N GLU A 205 -15.01 15.58 -5.26
CA GLU A 205 -14.12 16.73 -5.15
C GLU A 205 -13.05 16.72 -6.24
N ALA A 206 -12.60 15.54 -6.67
CA ALA A 206 -11.66 15.49 -7.79
C ALA A 206 -12.33 15.91 -9.09
N MET A 207 -13.54 15.40 -9.35
CA MET A 207 -14.28 15.81 -10.56
C MET A 207 -14.31 17.33 -10.72
N ALA A 208 -14.57 18.04 -9.63
CA ALA A 208 -14.74 19.49 -9.67
C ALA A 208 -13.44 20.24 -9.90
N ASP A 209 -12.30 19.58 -9.74
CA ASP A 209 -10.98 20.19 -9.93
C ASP A 209 -10.34 19.80 -11.25
N LEU A 210 -10.95 18.88 -12.01
CA LEU A 210 -10.32 18.40 -13.23
C LEU A 210 -10.07 19.54 -14.20
N HIS A 211 -10.89 20.58 -14.15
CA HIS A 211 -10.80 21.63 -15.16
C HIS A 211 -9.49 22.40 -15.05
N THR A 212 -8.78 22.28 -13.91
CA THR A 212 -7.53 23.00 -13.70
C THR A 212 -6.32 22.31 -14.32
N LEU A 213 -6.49 21.09 -14.82
CA LEU A 213 -5.38 20.19 -15.13
C LEU A 213 -5.01 20.23 -16.61
N SER A 214 -3.72 19.99 -16.87
CA SER A 214 -3.26 19.67 -18.22
C SER A 214 -3.82 18.31 -18.68
N GLU A 215 -3.64 18.02 -19.97
CA GLU A 215 -4.09 16.74 -20.50
C GLU A 215 -3.44 15.57 -19.78
N ASP A 216 -2.14 15.65 -19.50
CA ASP A 216 -1.46 14.53 -18.87
C ASP A 216 -1.88 14.35 -17.43
N SER A 217 -2.02 15.45 -16.69
CA SER A 217 -2.49 15.36 -15.32
C SER A 217 -3.93 14.85 -15.27
N TYR A 218 -4.77 15.33 -16.19
CA TYR A 218 -6.13 14.83 -16.30
CA TYR A 218 -6.13 14.83 -16.30
C TYR A 218 -6.15 13.31 -16.46
N LYS A 219 -5.27 12.77 -17.30
CA LYS A 219 -5.20 11.32 -17.48
CA LYS A 219 -5.21 11.32 -17.47
C LYS A 219 -4.82 10.62 -16.18
N ASP A 220 -3.80 11.15 -15.47
CA ASP A 220 -3.36 10.51 -14.22
C ASP A 220 -4.46 10.49 -13.18
N SER A 221 -5.18 11.61 -13.04
CA SER A 221 -6.24 11.72 -12.02
C SER A 221 -7.47 10.87 -12.37
N THR A 222 -7.93 10.93 -13.61
CA THR A 222 -9.14 10.21 -13.96
C THR A 222 -8.92 8.69 -13.86
N LEU A 223 -7.69 8.23 -14.08
CA LEU A 223 -7.40 6.80 -13.92
C LEU A 223 -7.75 6.31 -12.52
N ILE A 224 -7.33 7.05 -11.50
CA ILE A 224 -7.62 6.64 -10.13
C ILE A 224 -9.06 6.91 -9.74
N MET A 225 -9.67 7.98 -10.30
CA MET A 225 -11.08 8.20 -10.07
C MET A 225 -11.91 7.03 -10.57
N GLN A 226 -11.52 6.44 -11.69
CA GLN A 226 -12.27 5.30 -12.21
C GLN A 226 -12.19 4.12 -11.26
N LEU A 227 -11.07 3.94 -10.57
CA LEU A 227 -11.00 2.89 -9.56
C LEU A 227 -11.93 3.15 -8.39
N LEU A 228 -12.00 4.41 -7.93
CA LEU A 228 -13.00 4.75 -6.91
C LEU A 228 -14.41 4.43 -7.38
N ARG A 229 -14.71 4.79 -8.63
CA ARG A 229 -16.05 4.55 -9.17
CA ARG A 229 -16.06 4.54 -9.16
C ARG A 229 -16.34 3.06 -9.25
N ASP A 230 -15.34 2.27 -9.65
CA ASP A 230 -15.53 0.82 -9.73
C ASP A 230 -15.83 0.23 -8.36
N ASN A 231 -15.11 0.69 -7.33
CA ASN A 231 -15.39 0.21 -5.98
C ASN A 231 -16.79 0.60 -5.54
N LEU A 232 -17.19 1.83 -5.82
CA LEU A 232 -18.55 2.25 -5.48
C LEU A 232 -19.57 1.35 -6.18
N THR A 233 -19.33 1.00 -7.44
CA THR A 233 -20.25 0.12 -8.15
C THR A 233 -20.32 -1.25 -7.50
N LEU A 234 -19.18 -1.77 -7.08
CA LEU A 234 -19.14 -3.06 -6.41
C LEU A 234 -19.86 -3.01 -5.06
N TRP A 235 -19.79 -1.86 -4.37
CA TRP A 235 -20.23 -1.79 -2.98
C TRP A 235 -21.68 -1.32 -2.82
N THR A 236 -22.33 -0.85 -3.89
CA THR A 236 -23.67 -0.28 -3.77
C THR A 236 -24.67 -0.88 -4.76
N LYS B 1 -15.54 -9.90 -9.10
CA LYS B 1 -14.42 -8.97 -9.17
C LYS B 1 -14.00 -8.52 -7.78
N ARG B 2 -12.69 -8.50 -7.56
CA ARG B 2 -12.10 -8.04 -6.30
CA ARG B 2 -12.10 -8.05 -6.30
C ARG B 2 -11.89 -6.54 -6.33
N ARG B 3 -12.26 -5.87 -5.22
CA ARG B 3 -12.14 -4.41 -5.16
C ARG B 3 -10.75 -3.94 -5.55
N TRP B 4 -10.67 -2.71 -6.07
CA TRP B 4 -9.38 -2.09 -6.35
C TRP B 4 -8.76 -1.51 -5.10
N SEP B 5 -7.45 -1.66 -4.95
CA SEP B 5 -6.72 -0.70 -4.12
CB SEP B 5 -5.98 -1.38 -2.94
OG SEP B 5 -5.15 -2.41 -3.40
C SEP B 5 -5.77 0.05 -5.06
O SEP B 5 -5.72 -0.24 -6.28
P SEP B 5 -4.29 -3.17 -2.23
O1P SEP B 5 -3.49 -4.28 -3.07
O2P SEP B 5 -5.29 -3.91 -1.22
O3P SEP B 5 -3.31 -2.12 -1.51
N ALA B 6 -5.06 1.04 -4.53
CA ALA B 6 -4.34 2.00 -5.36
C ALA B 6 -3.24 1.32 -6.15
N PRO B 7 -3.20 1.56 -7.45
CA PRO B 7 -2.13 1.00 -8.28
C PRO B 7 -0.84 1.77 -8.07
N GLU B 8 0.23 1.18 -8.55
CA GLU B 8 1.51 1.84 -8.50
C GLU B 8 1.64 2.81 -9.67
N SER B 9 2.17 4.01 -9.39
CA SER B 9 2.39 4.96 -10.46
C SER B 9 3.21 4.35 -11.59
N ARG B 10 4.19 3.51 -11.24
CA ARG B 10 5.06 2.90 -12.25
C ARG B 10 4.47 1.59 -12.79
MG MG C . -26.64 3.04 4.55
CL CL D . 5.73 -25.52 5.79
#